data_6OVF
#
_entry.id   6OVF
#
_cell.length_a   102.644
_cell.length_b   102.644
_cell.length_c   80.202
_cell.angle_alpha   90.00
_cell.angle_beta   90.00
_cell.angle_gamma   120.00
#
_symmetry.space_group_name_H-M   'P 3 2 1'
#
loop_
_entity.id
_entity.type
_entity.pdbx_description
1 polymer 'Disabled homolog 2'
2 polymer STA03
3 non-polymer 'MAGNESIUM ION'
4 non-polymer 'NICKEL (II) ION'
5 water water
#
loop_
_entity_poly.entity_id
_entity_poly.type
_entity_poly.pdbx_seq_one_letter_code
_entity_poly.pdbx_strand_id
1 'polypeptide(L)'
;GPEKTDEYLLARFKGDGVKYKAKLIGIDDVPDARGDKMSQDSMMKLKGMAAAGRSQGQHKQRIWVNISLSGIKIIDEKTG
VIEHEHPVNKISFIARDVTDNRAFGYVCGGEGQHQFFAIKTGQQAEPLVVDLKDLFQVIYNVKKKEEEKKKIEEASKAVE
N
;
A,B
2 'polypeptide(L)' (ACE)QNGFDNPNYQPQ C,D
#
# COMPACT_ATOMS: atom_id res chain seq x y z
N GLY A 1 -21.93 -6.86 5.82
CA GLY A 1 -22.39 -5.58 6.35
C GLY A 1 -23.52 -4.93 5.58
N PRO A 2 -23.93 -3.73 6.00
CA PRO A 2 -25.13 -3.11 5.43
C PRO A 2 -24.92 -2.76 3.95
N GLU A 3 -25.87 -3.18 3.12
CA GLU A 3 -25.78 -2.82 1.71
C GLU A 3 -25.85 -1.31 1.54
N LYS A 4 -25.19 -0.82 0.49
CA LYS A 4 -25.10 0.61 0.21
C LYS A 4 -26.43 1.14 -0.30
N THR A 5 -26.65 2.44 -0.09
CA THR A 5 -27.83 3.13 -0.61
C THR A 5 -27.37 4.38 -1.32
N ASP A 6 -28.25 4.95 -2.15
CA ASP A 6 -27.91 6.21 -2.81
C ASP A 6 -27.58 7.29 -1.79
N GLU A 7 -28.36 7.35 -0.70
CA GLU A 7 -28.16 8.40 0.30
C GLU A 7 -26.82 8.24 1.00
N TYR A 8 -26.44 7.00 1.33
CA TYR A 8 -25.14 6.77 1.93
C TYR A 8 -24.03 7.26 1.02
N LEU A 9 -24.16 7.00 -0.29
CA LEU A 9 -23.08 7.34 -1.23
C LEU A 9 -23.01 8.85 -1.44
N LEU A 10 -24.16 9.52 -1.50
CA LEU A 10 -24.16 10.97 -1.62
C LEU A 10 -23.47 11.61 -0.42
N ALA A 11 -23.76 11.12 0.79
CA ALA A 11 -23.07 11.63 1.98
C ALA A 11 -21.58 11.37 1.91
N ARG A 12 -21.19 10.18 1.44
CA ARG A 12 -19.78 9.81 1.36
C ARG A 12 -19.01 10.73 0.40
N PHE A 13 -19.60 11.03 -0.76
CA PHE A 13 -18.84 11.70 -1.82
C PHE A 13 -19.08 13.20 -1.89
N LYS A 14 -20.07 13.75 -1.19
CA LYS A 14 -20.32 15.18 -1.29
C LYS A 14 -19.16 15.98 -0.69
N GLY A 15 -19.03 17.22 -1.14
CA GLY A 15 -18.00 18.10 -0.62
C GLY A 15 -16.60 17.58 -0.97
N ASP A 16 -15.78 17.41 0.06
CA ASP A 16 -14.42 16.92 -0.09
C ASP A 16 -14.33 15.41 -0.33
N GLY A 17 -15.42 14.67 -0.13
CA GLY A 17 -15.40 13.24 -0.42
C GLY A 17 -14.36 12.51 0.40
N VAL A 18 -13.70 11.55 -0.24
CA VAL A 18 -12.72 10.69 0.41
C VAL A 18 -11.40 10.81 -0.34
N LYS A 19 -10.33 10.31 0.28
CA LYS A 19 -9.03 10.35 -0.36
C LYS A 19 -8.16 9.17 0.07
N TYR A 20 -7.21 8.84 -0.80
CA TYR A 20 -6.37 7.68 -0.64
C TYR A 20 -4.93 8.06 -0.95
N LYS A 21 -3.99 7.45 -0.23
CA LYS A 21 -2.57 7.62 -0.51
C LYS A 21 -2.16 6.80 -1.72
N ALA A 22 -1.37 7.38 -2.60
CA ALA A 22 -1.00 6.69 -3.82
C ALA A 22 0.28 7.32 -4.40
N LYS A 23 0.74 6.74 -5.49
CA LYS A 23 1.81 7.33 -6.28
C LYS A 23 1.36 7.36 -7.73
N LEU A 24 1.79 8.38 -8.45
CA LEU A 24 1.45 8.51 -9.87
C LEU A 24 2.48 7.73 -10.67
N ILE A 25 2.04 6.62 -11.29
CA ILE A 25 2.94 5.87 -12.17
C ILE A 25 3.23 6.68 -13.43
N GLY A 26 2.19 7.26 -14.02
CA GLY A 26 2.38 8.12 -15.19
C GLY A 26 1.04 8.43 -15.83
N ILE A 27 1.12 9.19 -16.93
CA ILE A 27 -0.06 9.60 -17.70
C ILE A 27 0.25 9.33 -19.17
N ASP A 28 -0.70 8.74 -19.89
CA ASP A 28 -0.49 8.31 -21.26
C ASP A 28 -1.65 8.79 -22.14
N ASP A 29 -1.34 9.41 -23.29
CA ASP A 29 -2.37 9.62 -24.29
C ASP A 29 -2.83 8.28 -24.82
N VAL A 30 -4.15 8.10 -24.95
CA VAL A 30 -4.69 6.84 -25.46
C VAL A 30 -5.72 7.15 -26.53
N PRO A 31 -5.95 6.22 -27.46
CA PRO A 31 -6.83 6.53 -28.61
C PRO A 31 -8.33 6.53 -28.31
N ASP A 32 -8.78 5.80 -27.28
CA ASP A 32 -10.20 5.58 -27.07
C ASP A 32 -10.60 5.94 -25.64
N ALA A 33 -11.90 6.22 -25.47
CA ALA A 33 -12.43 6.56 -24.15
C ALA A 33 -12.44 5.36 -23.22
N ARG A 34 -12.39 4.15 -23.76
CA ARG A 34 -12.62 2.99 -22.92
C ARG A 34 -11.93 1.79 -23.54
N GLY A 35 -11.70 0.78 -22.71
CA GLY A 35 -11.21 -0.50 -23.17
C GLY A 35 -10.24 -1.13 -22.19
N ASP A 36 -10.50 -2.39 -21.82
CA ASP A 36 -9.59 -3.12 -20.94
C ASP A 36 -8.23 -3.31 -21.58
N LYS A 37 -8.19 -3.80 -22.81
CA LYS A 37 -6.90 -4.07 -23.45
C LYS A 37 -6.09 -2.79 -23.63
N MET A 38 -6.73 -1.72 -24.12
CA MET A 38 -6.08 -0.43 -24.27
C MET A 38 -5.50 0.06 -22.94
N SER A 39 -6.31 -0.02 -21.87
CA SER A 39 -5.88 0.42 -20.57
C SER A 39 -4.69 -0.39 -20.07
N GLN A 40 -4.73 -1.71 -20.24
CA GLN A 40 -3.63 -2.53 -19.77
C GLN A 40 -2.37 -2.28 -20.58
N ASP A 41 -2.51 -2.12 -21.91
CA ASP A 41 -1.35 -1.75 -22.73
C ASP A 41 -0.72 -0.46 -22.25
N SER A 42 -1.54 0.52 -21.85
CA SER A 42 -1.01 1.78 -21.36
C SER A 42 -0.36 1.60 -19.99
N MET A 43 -0.99 0.83 -19.10
CA MET A 43 -0.40 0.56 -17.80
C MET A 43 0.98 -0.08 -17.95
N MET A 44 1.13 -1.04 -18.86
CA MET A 44 2.39 -1.74 -19.05
C MET A 44 3.47 -0.81 -19.61
N LYS A 45 3.12 0.04 -20.59
CA LYS A 45 4.06 1.04 -21.09
C LYS A 45 4.53 1.97 -19.97
N LEU A 46 3.59 2.49 -19.18
CA LEU A 46 3.94 3.43 -18.12
C LEU A 46 4.76 2.76 -17.03
N LYS A 47 4.44 1.51 -16.70
CA LYS A 47 5.23 0.78 -15.71
C LYS A 47 6.63 0.49 -16.25
N GLY A 48 6.74 0.15 -17.53
CA GLY A 48 8.07 0.02 -18.12
C GLY A 48 8.86 1.32 -18.03
N MET A 49 8.22 2.45 -18.34
CA MET A 49 8.93 3.72 -18.24
C MET A 49 9.31 4.01 -16.80
N ALA A 50 8.42 3.71 -15.86
CA ALA A 50 8.73 3.96 -14.45
C ALA A 50 9.89 3.10 -14.00
N ALA A 51 9.98 1.86 -14.49
CA ALA A 51 11.08 0.98 -14.10
C ALA A 51 12.41 1.51 -14.65
N ALA A 52 12.39 2.01 -15.89
CA ALA A 52 13.58 2.66 -16.45
C ALA A 52 13.97 3.87 -15.60
N GLY A 53 13.02 4.77 -15.32
CA GLY A 53 13.32 5.92 -14.50
C GLY A 53 13.83 5.54 -13.12
N ARG A 54 13.30 4.46 -12.56
CA ARG A 54 13.74 4.02 -11.23
C ARG A 54 15.17 3.51 -11.27
N SER A 55 15.57 2.82 -12.33
CA SER A 55 16.95 2.38 -12.45
C SER A 55 17.92 3.56 -12.54
N GLN A 56 17.41 4.75 -12.86
CA GLN A 56 18.20 5.98 -12.84
C GLN A 56 17.91 6.84 -11.61
N GLY A 57 17.45 6.22 -10.53
CA GLY A 57 17.28 6.92 -9.26
C GLY A 57 16.01 7.75 -9.12
N GLN A 58 15.11 7.72 -10.10
CA GLN A 58 13.89 8.51 -10.00
C GLN A 58 12.85 7.79 -9.13
N HIS A 59 11.89 8.57 -8.64
CA HIS A 59 10.80 8.05 -7.82
C HIS A 59 9.48 8.55 -8.36
N LYS A 60 8.44 7.73 -8.17
CA LYS A 60 7.09 8.15 -8.52
C LYS A 60 6.62 9.22 -7.54
N GLN A 61 5.90 10.22 -8.07
CA GLN A 61 5.39 11.30 -7.24
C GLN A 61 4.37 10.78 -6.24
N ARG A 62 4.52 11.15 -4.96
CA ARG A 62 3.56 10.76 -3.94
C ARG A 62 2.35 11.68 -3.99
N ILE A 63 1.15 11.08 -4.01
CA ILE A 63 -0.08 11.83 -4.27
C ILE A 63 -1.19 11.37 -3.32
N TRP A 64 -2.21 12.20 -3.22
CA TRP A 64 -3.54 11.80 -2.77
C TRP A 64 -4.44 11.67 -3.99
N VAL A 65 -5.21 10.59 -4.04
CA VAL A 65 -6.31 10.49 -5.00
C VAL A 65 -7.57 10.85 -4.23
N ASN A 66 -8.18 11.97 -4.60
CA ASN A 66 -9.39 12.48 -3.95
C ASN A 66 -10.61 12.18 -4.82
N ILE A 67 -11.60 11.51 -4.25
CA ILE A 67 -12.80 11.06 -4.96
C ILE A 67 -14.02 11.76 -4.34
N SER A 68 -14.77 12.50 -5.14
CA SER A 68 -15.95 13.20 -4.63
C SER A 68 -16.93 13.40 -5.77
N LEU A 69 -18.08 14.02 -5.45
CA LEU A 69 -19.06 14.33 -6.49
C LEU A 69 -18.46 15.28 -7.52
N SER A 70 -17.37 15.95 -7.18
CA SER A 70 -16.62 16.81 -8.10
C SER A 70 -15.67 16.03 -9.02
N GLY A 71 -15.56 14.72 -8.84
CA GLY A 71 -14.72 13.94 -9.74
C GLY A 71 -13.46 13.45 -9.06
N ILE A 72 -12.36 13.33 -9.80
CA ILE A 72 -11.09 12.88 -9.25
C ILE A 72 -10.14 14.06 -9.22
N LYS A 73 -9.49 14.26 -8.08
CA LYS A 73 -8.40 15.22 -7.95
C LYS A 73 -7.13 14.46 -7.60
N ILE A 74 -6.05 14.76 -8.32
CA ILE A 74 -4.73 14.24 -7.99
C ILE A 74 -4.01 15.36 -7.25
N ILE A 75 -3.64 15.10 -5.99
CA ILE A 75 -3.08 16.13 -5.14
C ILE A 75 -1.66 15.73 -4.76
N ASP A 76 -0.72 16.67 -4.91
CA ASP A 76 0.66 16.44 -4.52
C ASP A 76 0.73 16.31 -3.00
N GLU A 77 1.28 15.18 -2.51
CA GLU A 77 1.23 14.91 -1.08
C GLU A 77 2.01 15.95 -0.28
N LYS A 78 3.22 16.29 -0.75
CA LYS A 78 4.09 17.18 0.01
C LYS A 78 3.51 18.59 0.09
N THR A 79 3.13 19.16 -1.05
CA THR A 79 2.67 20.54 -1.13
C THR A 79 1.17 20.71 -0.96
N GLY A 80 0.38 19.65 -1.16
CA GLY A 80 -1.06 19.82 -1.15
C GLY A 80 -1.64 20.51 -2.36
N VAL A 81 -0.85 20.73 -3.41
CA VAL A 81 -1.32 21.39 -4.62
C VAL A 81 -2.07 20.39 -5.49
N ILE A 82 -3.21 20.83 -6.03
CA ILE A 82 -4.00 20.02 -6.95
C ILE A 82 -3.30 20.03 -8.31
N GLU A 83 -2.74 18.89 -8.71
CA GLU A 83 -2.04 18.77 -9.99
C GLU A 83 -2.96 18.47 -11.15
N HIS A 84 -4.07 17.76 -10.89
CA HIS A 84 -4.98 17.31 -11.94
C HIS A 84 -6.39 17.22 -11.36
N GLU A 85 -7.38 17.59 -12.17
CA GLU A 85 -8.77 17.54 -11.72
C GLU A 85 -9.66 17.19 -12.90
N HIS A 86 -10.45 16.13 -12.76
CA HIS A 86 -11.38 15.73 -13.80
C HIS A 86 -12.76 15.60 -13.18
N PRO A 87 -13.76 16.32 -13.65
CA PRO A 87 -15.12 16.10 -13.19
C PRO A 87 -15.60 14.72 -13.60
N VAL A 88 -16.67 14.26 -12.93
CA VAL A 88 -17.21 12.94 -13.20
C VAL A 88 -17.52 12.77 -14.68
N ASN A 89 -18.07 13.80 -15.31
CA ASN A 89 -18.51 13.59 -16.70
C ASN A 89 -17.36 13.67 -17.70
N LYS A 90 -16.12 13.80 -17.26
CA LYS A 90 -14.95 13.68 -18.11
C LYS A 90 -14.10 12.45 -17.80
N ILE A 91 -14.56 11.57 -16.91
CA ILE A 91 -13.92 10.29 -16.67
C ILE A 91 -14.74 9.24 -17.41
N SER A 92 -14.08 8.50 -18.31
CA SER A 92 -14.80 7.56 -19.15
C SER A 92 -14.65 6.09 -18.78
N PHE A 93 -13.57 5.70 -18.11
CA PHE A 93 -13.32 4.27 -17.93
C PHE A 93 -12.44 4.06 -16.70
N ILE A 94 -12.75 3.03 -15.91
CA ILE A 94 -11.90 2.65 -14.78
C ILE A 94 -11.30 1.28 -15.07
N ALA A 95 -9.99 1.15 -14.97
CA ALA A 95 -9.34 -0.11 -15.27
C ALA A 95 -8.70 -0.70 -14.02
N ARG A 96 -8.91 -2.00 -13.82
CA ARG A 96 -8.09 -2.74 -12.88
C ARG A 96 -6.82 -3.22 -13.57
N ASP A 97 -5.83 -3.57 -12.77
CA ASP A 97 -4.56 -4.11 -13.25
C ASP A 97 -4.51 -5.58 -12.84
N VAL A 98 -4.62 -6.48 -13.83
CA VAL A 98 -4.64 -7.91 -13.50
C VAL A 98 -3.28 -8.42 -13.01
N THR A 99 -2.22 -7.63 -13.18
CA THR A 99 -0.91 -8.02 -12.70
C THR A 99 -0.58 -7.50 -11.31
N ASP A 100 -1.41 -6.63 -10.73
CA ASP A 100 -0.97 -5.84 -9.58
C ASP A 100 -2.18 -5.40 -8.77
N ASN A 101 -2.39 -6.01 -7.60
CA ASN A 101 -3.47 -5.61 -6.72
C ASN A 101 -3.30 -4.21 -6.15
N ARG A 102 -2.13 -3.60 -6.31
CA ARG A 102 -1.90 -2.23 -5.84
CA ARG A 102 -1.88 -2.24 -5.84
C ARG A 102 -1.75 -1.25 -7.00
N ALA A 103 -2.39 -1.54 -8.12
CA ALA A 103 -2.41 -0.60 -9.22
C ALA A 103 -3.80 -0.58 -9.85
N PHE A 104 -4.15 0.57 -10.39
CA PHE A 104 -5.34 0.70 -11.22
C PHE A 104 -5.11 1.94 -12.09
N GLY A 105 -6.04 2.19 -12.99
CA GLY A 105 -5.97 3.45 -13.71
C GLY A 105 -7.33 3.87 -14.17
N TYR A 106 -7.38 5.06 -14.77
CA TYR A 106 -8.63 5.57 -15.31
C TYR A 106 -8.36 6.38 -16.56
N VAL A 107 -9.27 6.29 -17.52
CA VAL A 107 -9.21 7.12 -18.71
C VAL A 107 -10.07 8.35 -18.49
N CYS A 108 -9.55 9.52 -18.85
CA CYS A 108 -10.29 10.74 -18.63
C CYS A 108 -9.90 11.75 -19.71
N GLY A 109 -10.76 12.75 -19.87
CA GLY A 109 -10.55 13.77 -20.87
C GLY A 109 -11.70 13.84 -21.85
N GLY A 110 -11.91 15.02 -22.45
CA GLY A 110 -12.91 15.14 -23.49
C GLY A 110 -12.48 14.48 -24.80
N GLU A 111 -13.35 14.60 -25.80
CA GLU A 111 -13.14 13.92 -27.07
C GLU A 111 -11.81 14.28 -27.71
N GLY A 112 -11.16 13.27 -28.31
CA GLY A 112 -9.85 13.44 -28.92
C GLY A 112 -8.74 13.72 -27.94
N GLN A 113 -9.01 13.68 -26.64
CA GLN A 113 -8.04 14.03 -25.61
C GLN A 113 -8.03 12.97 -24.51
N HIS A 114 -8.28 11.72 -24.87
CA HIS A 114 -8.34 10.67 -23.87
C HIS A 114 -6.95 10.42 -23.31
N GLN A 115 -6.86 10.32 -21.99
CA GLN A 115 -5.59 10.04 -21.32
C GLN A 115 -5.80 8.97 -20.27
N PHE A 116 -4.82 8.09 -20.13
CA PHE A 116 -4.84 7.07 -19.08
C PHE A 116 -3.95 7.52 -17.94
N PHE A 117 -4.52 7.60 -16.74
CA PHE A 117 -3.77 7.93 -15.53
C PHE A 117 -3.54 6.62 -14.77
N ALA A 118 -2.27 6.24 -14.59
CA ALA A 118 -1.92 4.98 -13.94
C ALA A 118 -1.47 5.26 -12.51
N ILE A 119 -2.10 4.57 -11.54
CA ILE A 119 -1.96 4.89 -10.12
C ILE A 119 -1.46 3.65 -9.38
N LYS A 120 -0.45 3.83 -8.54
CA LYS A 120 0.04 2.78 -7.65
C LYS A 120 -0.49 3.09 -6.25
N THR A 121 -1.42 2.29 -5.77
CA THR A 121 -2.04 2.62 -4.51
C THR A 121 -1.16 2.13 -3.36
N GLY A 122 -1.23 2.83 -2.23
CA GLY A 122 -0.45 2.44 -1.07
C GLY A 122 -0.95 1.14 -0.46
N GLN A 123 -2.26 1.04 -0.29
CA GLN A 123 -2.92 -0.21 0.06
C GLN A 123 -3.46 -0.86 -1.22
N GLN A 124 -4.36 -1.82 -1.05
CA GLN A 124 -5.02 -2.47 -2.18
C GLN A 124 -5.80 -1.44 -2.99
N ALA A 125 -5.77 -1.58 -4.33
CA ALA A 125 -6.50 -0.65 -5.20
C ALA A 125 -8.00 -0.87 -5.14
N GLU A 126 -8.45 -2.11 -4.90
CA GLU A 126 -9.87 -2.44 -5.03
C GLU A 126 -10.82 -1.50 -4.30
N PRO A 127 -10.58 -1.10 -3.03
CA PRO A 127 -11.54 -0.19 -2.38
C PRO A 127 -11.69 1.11 -3.12
N LEU A 128 -10.59 1.61 -3.66
CA LEU A 128 -10.65 2.83 -4.45
C LEU A 128 -11.44 2.60 -5.73
N VAL A 129 -11.18 1.48 -6.42
CA VAL A 129 -11.92 1.15 -7.64
C VAL A 129 -13.42 1.04 -7.34
N VAL A 130 -13.76 0.41 -6.21
CA VAL A 130 -15.17 0.25 -5.85
C VAL A 130 -15.78 1.61 -5.52
N ASP A 131 -15.02 2.48 -4.87
CA ASP A 131 -15.51 3.83 -4.64
C ASP A 131 -15.85 4.52 -5.97
N LEU A 132 -15.01 4.35 -6.99
CA LEU A 132 -15.31 4.97 -8.28
C LEU A 132 -16.55 4.37 -8.92
N LYS A 133 -16.69 3.04 -8.84
CA LYS A 133 -17.90 2.41 -9.34
C LYS A 133 -19.13 2.98 -8.64
N ASP A 134 -19.07 3.08 -7.30
CA ASP A 134 -20.21 3.59 -6.53
C ASP A 134 -20.50 5.05 -6.85
N LEU A 135 -19.46 5.86 -6.96
CA LEU A 135 -19.62 7.28 -7.32
C LEU A 135 -20.40 7.42 -8.62
N PHE A 136 -19.98 6.66 -9.65
CA PHE A 136 -20.65 6.76 -10.94
C PHE A 136 -22.06 6.22 -10.86
N GLN A 137 -22.25 5.12 -10.13
CA GLN A 137 -23.58 4.52 -9.98
C GLN A 137 -24.56 5.50 -9.32
N VAL A 138 -24.14 6.14 -8.21
CA VAL A 138 -25.11 6.98 -7.50
C VAL A 138 -25.44 8.22 -8.32
N ILE A 139 -24.47 8.80 -9.00
CA ILE A 139 -24.76 9.95 -9.87
C ILE A 139 -25.72 9.54 -10.99
N TYR A 140 -25.49 8.37 -11.57
CA TYR A 140 -26.39 7.85 -12.60
C TYR A 140 -27.77 7.61 -12.02
N ASN A 141 -27.85 6.94 -10.87
CA ASN A 141 -29.12 6.65 -10.21
C ASN A 141 -29.92 7.92 -9.97
N VAL A 142 -29.26 8.95 -9.43
CA VAL A 142 -29.96 10.17 -9.10
C VAL A 142 -30.49 10.84 -10.36
N LYS A 143 -29.68 10.87 -11.41
CA LYS A 143 -30.12 11.49 -12.65
C LYS A 143 -31.29 10.76 -13.27
N LYS A 144 -31.28 9.42 -13.23
CA LYS A 144 -32.41 8.69 -13.82
C LYS A 144 -33.67 8.84 -12.96
N LYS A 145 -33.51 9.00 -11.64
CA LYS A 145 -34.65 9.33 -10.80
C LYS A 145 -35.27 10.65 -11.23
N GLU A 146 -34.45 11.68 -11.43
CA GLU A 146 -35.00 12.98 -11.83
C GLU A 146 -35.39 13.03 -13.31
N GLU A 147 -35.13 11.96 -14.08
CA GLU A 147 -35.70 11.84 -15.41
C GLU A 147 -37.08 11.19 -15.35
N GLU A 148 -37.19 10.04 -14.67
CA GLU A 148 -38.50 9.47 -14.38
C GLU A 148 -39.36 10.47 -13.62
N LYS A 149 -38.74 11.34 -12.81
CA LYS A 149 -39.39 12.50 -12.20
C LYS A 149 -40.19 13.30 -13.23
N LYS A 150 -39.58 13.63 -14.36
CA LYS A 150 -40.17 14.57 -15.31
C LYS A 150 -41.08 13.91 -16.32
N LYS A 151 -40.86 12.63 -16.65
CA LYS A 151 -41.79 11.91 -17.51
C LYS A 151 -43.14 11.73 -16.82
N ILE A 152 -43.17 11.73 -15.50
CA ILE A 152 -44.44 11.66 -14.77
C ILE A 152 -45.05 13.05 -14.62
N GLU A 153 -44.23 14.10 -14.60
CA GLU A 153 -44.76 15.46 -14.54
C GLU A 153 -45.73 15.74 -15.68
N GLU A 154 -45.54 15.09 -16.83
CA GLU A 154 -46.57 15.03 -17.86
C GLU A 154 -46.57 13.67 -18.54
N GLY B 1 23.79 -17.58 24.79
CA GLY B 1 24.23 -16.44 24.01
C GLY B 1 25.05 -15.48 24.84
N PRO B 2 25.60 -14.44 24.21
CA PRO B 2 26.35 -13.44 24.96
C PRO B 2 25.40 -12.58 25.79
N GLU B 3 25.97 -11.83 26.72
CA GLU B 3 25.18 -10.94 27.57
C GLU B 3 24.68 -9.76 26.73
N LYS B 4 23.36 -9.61 26.66
CA LYS B 4 22.76 -8.61 25.77
C LYS B 4 22.54 -7.28 26.50
N THR B 5 23.66 -6.70 26.94
CA THR B 5 23.65 -5.36 27.48
C THR B 5 23.18 -4.36 26.43
N ASP B 6 22.75 -3.19 26.91
CA ASP B 6 22.36 -2.13 25.98
C ASP B 6 23.50 -1.74 25.06
N GLU B 7 24.73 -1.71 25.59
CA GLU B 7 25.90 -1.38 24.78
C GLU B 7 26.12 -2.42 23.68
N TYR B 8 26.00 -3.70 24.03
CA TYR B 8 26.09 -4.76 23.03
C TYR B 8 25.06 -4.55 21.91
N LEU B 9 23.82 -4.28 22.28
CA LEU B 9 22.76 -4.17 21.27
C LEU B 9 22.91 -2.89 20.46
N LEU B 10 23.34 -1.79 21.09
CA LEU B 10 23.56 -0.57 20.32
C LEU B 10 24.68 -0.77 19.30
N ALA B 11 25.77 -1.43 19.70
CA ALA B 11 26.87 -1.69 18.76
C ALA B 11 26.40 -2.56 17.61
N ARG B 12 25.50 -3.50 17.89
CA ARG B 12 25.02 -4.41 16.86
C ARG B 12 24.14 -3.68 15.85
N PHE B 13 23.25 -2.80 16.31
CA PHE B 13 22.23 -2.24 15.43
C PHE B 13 22.54 -0.83 14.93
N LYS B 14 23.49 -0.12 15.52
CA LYS B 14 23.77 1.21 15.01
C LYS B 14 24.34 1.14 13.59
N GLY B 15 24.21 2.27 12.88
CA GLY B 15 24.70 2.33 11.51
C GLY B 15 23.94 1.41 10.58
N ASP B 16 24.68 0.59 9.84
CA ASP B 16 24.09 -0.37 8.92
C ASP B 16 23.48 -1.58 9.62
N GLY B 17 23.75 -1.77 10.91
CA GLY B 17 23.17 -2.88 11.64
C GLY B 17 23.60 -4.22 11.08
N VAL B 18 22.64 -5.13 10.95
CA VAL B 18 22.88 -6.50 10.51
C VAL B 18 21.96 -6.82 9.34
N LYS B 19 22.32 -7.84 8.56
CA LYS B 19 21.47 -8.21 7.44
C LYS B 19 21.47 -9.72 7.26
N TYR B 20 20.31 -10.23 6.84
CA TYR B 20 20.07 -11.65 6.66
C TYR B 20 19.55 -11.89 5.24
N LYS B 21 20.09 -12.90 4.57
CA LYS B 21 19.51 -13.38 3.31
C LYS B 21 18.15 -14.01 3.58
N ALA B 22 17.18 -13.70 2.74
CA ALA B 22 15.83 -14.22 2.89
C ALA B 22 15.13 -14.13 1.53
N LYS B 23 13.89 -14.59 1.50
CA LYS B 23 13.03 -14.44 0.33
C LYS B 23 11.71 -13.81 0.78
N LEU B 24 11.16 -12.95 -0.07
CA LEU B 24 9.92 -12.26 0.24
C LEU B 24 8.75 -13.15 -0.14
N ILE B 25 8.00 -13.63 0.87
CA ILE B 25 6.80 -14.43 0.55
C ILE B 25 5.73 -13.54 -0.08
N GLY B 26 5.52 -12.36 0.48
CA GLY B 26 4.53 -11.45 -0.04
C GLY B 26 4.29 -10.32 0.93
N ILE B 27 3.40 -9.43 0.50
CA ILE B 27 3.01 -8.25 1.27
C ILE B 27 1.50 -8.17 1.22
N ASP B 28 0.89 -8.10 2.40
CA ASP B 28 -0.56 -8.09 2.53
C ASP B 28 -0.98 -6.80 3.19
N ASP B 29 -2.20 -6.38 2.92
CA ASP B 29 -2.81 -5.29 3.67
C ASP B 29 -3.72 -5.90 4.72
N VAL B 30 -3.58 -5.45 5.96
CA VAL B 30 -4.24 -6.10 7.08
C VAL B 30 -5.06 -5.08 7.85
N PRO B 31 -6.11 -5.52 8.56
CA PRO B 31 -7.03 -4.56 9.18
C PRO B 31 -6.51 -3.87 10.43
N ASP B 32 -5.51 -4.43 11.14
CA ASP B 32 -5.11 -3.87 12.42
C ASP B 32 -3.60 -3.91 12.55
N ALA B 33 -3.10 -3.34 13.65
CA ALA B 33 -1.66 -3.20 13.87
C ALA B 33 -1.02 -4.45 14.47
N ARG B 34 -1.81 -5.41 14.95
CA ARG B 34 -1.22 -6.44 15.80
C ARG B 34 -2.07 -7.68 15.78
N GLY B 35 -1.46 -8.77 16.23
CA GLY B 35 -2.18 -9.97 16.56
C GLY B 35 -1.62 -11.21 15.93
N ASP B 36 -1.42 -12.25 16.74
CA ASP B 36 -1.00 -13.55 16.24
C ASP B 36 -1.94 -14.05 15.16
N LYS B 37 -3.26 -14.01 15.45
CA LYS B 37 -4.20 -14.64 14.53
C LYS B 37 -4.35 -13.81 13.27
N MET B 38 -4.42 -12.48 13.38
CA MET B 38 -4.47 -11.66 12.19
C MET B 38 -3.25 -11.87 11.32
N SER B 39 -2.08 -11.92 11.94
CA SER B 39 -0.84 -12.15 11.20
C SER B 39 -0.84 -13.53 10.55
N GLN B 40 -1.30 -14.55 11.27
CA GLN B 40 -1.28 -15.88 10.68
C GLN B 40 -2.30 -15.99 9.55
N ASP B 41 -3.46 -15.34 9.69
CA ASP B 41 -4.40 -15.26 8.57
C ASP B 41 -3.74 -14.71 7.33
N SER B 42 -2.97 -13.62 7.50
CA SER B 42 -2.26 -12.99 6.40
C SER B 42 -1.18 -13.92 5.83
N MET B 43 -0.37 -14.51 6.71
CA MET B 43 0.64 -15.47 6.27
C MET B 43 0.01 -16.59 5.44
N MET B 44 -1.12 -17.14 5.91
CA MET B 44 -1.77 -18.23 5.19
C MET B 44 -2.27 -17.78 3.82
N LYS B 45 -2.87 -16.60 3.75
CA LYS B 45 -3.31 -16.08 2.46
C LYS B 45 -2.13 -15.90 1.51
N LEU B 46 -1.04 -15.32 2.01
CA LEU B 46 0.12 -15.06 1.16
C LEU B 46 0.80 -16.35 0.74
N LYS B 47 0.85 -17.34 1.63
CA LYS B 47 1.39 -18.63 1.26
C LYS B 47 0.49 -19.35 0.26
N GLY B 48 -0.84 -19.24 0.42
CA GLY B 48 -1.74 -19.78 -0.57
C GLY B 48 -1.55 -19.14 -1.93
N MET B 49 -1.41 -17.82 -1.96
CA MET B 49 -1.15 -17.12 -3.22
C MET B 49 0.20 -17.55 -3.83
N ALA B 50 1.22 -17.73 -2.98
CA ALA B 50 2.52 -18.15 -3.48
C ALA B 50 2.47 -19.57 -4.02
N ALA B 51 1.73 -20.46 -3.35
CA ALA B 51 1.57 -21.83 -3.84
C ALA B 51 0.85 -21.84 -5.18
N ALA B 52 -0.18 -21.00 -5.33
CA ALA B 52 -0.87 -20.91 -6.60
C ALA B 52 0.03 -20.28 -7.66
N GLY B 53 0.88 -19.34 -7.24
CA GLY B 53 1.85 -18.77 -8.15
C GLY B 53 2.97 -19.74 -8.46
N ARG B 54 3.57 -20.32 -7.41
CA ARG B 54 4.64 -21.30 -7.64
C ARG B 54 4.13 -22.47 -8.44
N SER B 55 2.83 -22.76 -8.38
CA SER B 55 2.19 -23.56 -9.42
C SER B 55 2.54 -22.98 -10.78
N GLN B 56 2.05 -21.79 -11.07
CA GLN B 56 2.36 -21.10 -12.32
C GLN B 56 3.86 -20.83 -12.51
N GLY B 57 4.75 -21.51 -11.77
CA GLY B 57 6.18 -21.36 -11.98
C GLY B 57 6.70 -20.02 -11.54
N GLN B 58 6.44 -19.66 -10.29
CA GLN B 58 6.74 -18.34 -9.72
C GLN B 58 7.97 -18.43 -8.83
N HIS B 59 8.90 -17.49 -9.01
CA HIS B 59 10.09 -17.43 -8.17
C HIS B 59 9.90 -16.37 -7.09
N LYS B 60 10.41 -16.65 -5.90
CA LYS B 60 10.37 -15.70 -4.79
C LYS B 60 11.59 -14.78 -4.86
N GLN B 61 11.37 -13.50 -4.61
CA GLN B 61 12.44 -12.53 -4.70
C GLN B 61 13.47 -12.74 -3.60
N ARG B 62 14.73 -12.87 -3.99
CA ARG B 62 15.82 -12.97 -3.03
C ARG B 62 16.11 -11.58 -2.50
N ILE B 63 16.14 -11.44 -1.18
CA ILE B 63 16.27 -10.14 -0.54
C ILE B 63 17.30 -10.22 0.59
N TRP B 64 17.75 -9.05 1.02
CA TRP B 64 18.34 -8.87 2.34
C TRP B 64 17.28 -8.29 3.25
N VAL B 65 17.21 -8.81 4.48
CA VAL B 65 16.46 -8.18 5.56
C VAL B 65 17.49 -7.46 6.42
N ASN B 66 17.47 -6.13 6.38
CA ASN B 66 18.45 -5.31 7.09
C ASN B 66 17.79 -4.74 8.34
N ILE B 67 18.42 -4.97 9.49
CA ILE B 67 17.86 -4.64 10.80
C ILE B 67 18.84 -3.72 11.50
N SER B 68 18.42 -2.49 11.78
CA SER B 68 19.29 -1.51 12.43
C SER B 68 18.44 -0.54 13.25
N LEU B 69 19.12 0.40 13.91
CA LEU B 69 18.40 1.44 14.63
C LEU B 69 17.50 2.25 13.72
N SER B 70 17.76 2.21 12.41
CA SER B 70 16.90 2.86 11.42
C SER B 70 15.67 2.03 11.08
N GLY B 71 15.53 0.82 11.61
CA GLY B 71 14.34 0.05 11.34
C GLY B 71 14.62 -1.15 10.46
N ILE B 72 13.68 -1.52 9.60
CA ILE B 72 13.84 -2.64 8.69
C ILE B 72 13.95 -2.11 7.26
N LYS B 73 14.91 -2.64 6.50
CA LYS B 73 14.98 -2.40 5.07
C LYS B 73 14.93 -3.74 4.35
N ILE B 74 14.11 -3.79 3.32
CA ILE B 74 14.05 -4.95 2.43
C ILE B 74 14.83 -4.55 1.18
N ILE B 75 15.92 -5.26 0.91
CA ILE B 75 16.84 -4.90 -0.16
C ILE B 75 16.87 -6.04 -1.18
N ASP B 76 16.67 -5.72 -2.45
CA ASP B 76 16.83 -6.69 -3.51
C ASP B 76 18.26 -7.21 -3.52
N GLU B 77 18.42 -8.53 -3.43
CA GLU B 77 19.77 -9.08 -3.27
C GLU B 77 20.65 -8.75 -4.48
N LYS B 78 20.13 -8.95 -5.68
CA LYS B 78 21.01 -8.93 -6.85
C LYS B 78 21.32 -7.49 -7.29
N THR B 79 20.33 -6.60 -7.27
CA THR B 79 20.58 -5.20 -7.64
C THR B 79 20.97 -4.33 -6.45
N GLY B 80 20.69 -4.77 -5.23
CA GLY B 80 21.07 -3.98 -4.07
C GLY B 80 20.23 -2.76 -3.82
N VAL B 81 19.12 -2.58 -4.54
CA VAL B 81 18.26 -1.42 -4.32
C VAL B 81 17.40 -1.66 -3.09
N ILE B 82 17.24 -0.61 -2.29
CA ILE B 82 16.31 -0.63 -1.16
C ILE B 82 14.88 -0.59 -1.73
N GLU B 83 14.14 -1.68 -1.54
CA GLU B 83 12.77 -1.73 -2.03
C GLU B 83 11.74 -1.29 -0.99
N HIS B 84 12.02 -1.52 0.29
CA HIS B 84 11.12 -1.16 1.37
C HIS B 84 11.94 -0.67 2.53
N GLU B 85 11.41 0.31 3.26
CA GLU B 85 12.11 0.93 4.37
C GLU B 85 11.10 1.31 5.43
N HIS B 86 11.18 0.67 6.60
CA HIS B 86 10.22 0.91 7.69
C HIS B 86 10.98 1.33 8.94
N PRO B 87 10.82 2.56 9.42
CA PRO B 87 11.46 2.96 10.66
C PRO B 87 10.86 2.20 11.84
N VAL B 88 11.63 2.14 12.93
CA VAL B 88 11.22 1.36 14.10
C VAL B 88 9.85 1.82 14.61
N ASN B 89 9.58 3.12 14.57
CA ASN B 89 8.32 3.58 15.16
C ASN B 89 7.12 3.35 14.26
N LYS B 90 7.31 2.77 13.08
CA LYS B 90 6.21 2.38 12.21
C LYS B 90 5.99 0.87 12.15
N ILE B 91 6.81 0.08 12.84
CA ILE B 91 6.62 -1.37 12.89
C ILE B 91 5.87 -1.68 14.16
N SER B 92 4.71 -2.30 14.04
CA SER B 92 3.88 -2.47 15.24
C SER B 92 3.93 -3.87 15.83
N PHE B 93 4.21 -4.90 15.04
CA PHE B 93 4.05 -6.26 15.53
C PHE B 93 4.98 -7.18 14.75
N ILE B 94 5.64 -8.09 15.46
CA ILE B 94 6.44 -9.14 14.85
C ILE B 94 5.74 -10.46 15.08
N ALA B 95 5.51 -11.21 14.02
CA ALA B 95 4.72 -12.44 14.06
C ALA B 95 5.61 -13.65 13.81
N ARG B 96 5.46 -14.67 14.66
CA ARG B 96 6.03 -15.98 14.39
C ARG B 96 5.02 -16.80 13.59
N ASP B 97 5.51 -17.87 12.97
CA ASP B 97 4.67 -18.74 12.14
C ASP B 97 4.72 -20.13 12.77
N VAL B 98 3.65 -20.51 13.46
CA VAL B 98 3.62 -21.80 14.15
C VAL B 98 3.67 -22.98 13.17
N THR B 99 3.37 -22.76 11.90
CA THR B 99 3.39 -23.84 10.93
C THR B 99 4.74 -24.00 10.24
N ASP B 100 5.70 -23.10 10.49
CA ASP B 100 6.86 -23.01 9.61
C ASP B 100 8.00 -22.31 10.37
N ASN B 101 9.01 -23.08 10.80
CA ASN B 101 10.17 -22.57 11.51
CA ASN B 101 10.06 -22.43 11.54
C ASN B 101 11.05 -21.67 10.65
N ARG B 102 10.82 -21.64 9.33
CA ARG B 102 11.59 -20.85 8.40
C ARG B 102 10.78 -19.67 7.85
N ALA B 103 9.74 -19.24 8.55
CA ALA B 103 8.98 -18.06 8.12
C ALA B 103 8.67 -17.20 9.32
N PHE B 104 8.52 -15.90 9.06
CA PHE B 104 8.03 -14.94 10.05
C PHE B 104 7.48 -13.74 9.29
N GLY B 105 6.93 -12.79 10.03
CA GLY B 105 6.46 -11.58 9.38
C GLY B 105 6.40 -10.42 10.36
N TYR B 106 6.09 -9.26 9.81
CA TYR B 106 5.90 -8.10 10.68
C TYR B 106 4.83 -7.21 10.08
N VAL B 107 4.13 -6.52 10.98
CA VAL B 107 3.09 -5.56 10.63
C VAL B 107 3.71 -4.19 10.75
N CYS B 108 3.51 -3.35 9.75
CA CYS B 108 4.09 -2.03 9.77
C CYS B 108 3.13 -1.06 9.10
N GLY B 109 3.41 0.21 9.30
CA GLY B 109 2.61 1.29 8.72
C GLY B 109 1.85 2.04 9.80
N GLY B 110 1.60 3.31 9.54
CA GLY B 110 0.78 4.12 10.43
C GLY B 110 -0.67 3.67 10.40
N GLU B 111 -1.49 4.40 11.16
CA GLU B 111 -2.91 4.09 11.22
C GLU B 111 -3.55 4.12 9.84
N GLY B 112 -4.49 3.21 9.62
CA GLY B 112 -5.14 3.07 8.35
C GLY B 112 -4.29 2.55 7.21
N GLN B 113 -3.03 2.18 7.48
CA GLN B 113 -2.14 1.69 6.43
C GLN B 113 -1.35 0.48 6.89
N HIS B 114 -2.00 -0.41 7.66
CA HIS B 114 -1.29 -1.57 8.18
C HIS B 114 -1.02 -2.58 7.06
N GLN B 115 0.22 -3.02 6.95
CA GLN B 115 0.61 -4.04 6.00
C GLN B 115 1.38 -5.12 6.74
N PHE B 116 1.30 -6.35 6.23
CA PHE B 116 2.05 -7.49 6.75
C PHE B 116 3.07 -7.91 5.71
N PHE B 117 4.34 -7.91 6.10
CA PHE B 117 5.42 -8.41 5.26
C PHE B 117 5.77 -9.82 5.71
N ALA B 118 5.65 -10.79 4.80
CA ALA B 118 5.91 -12.20 5.10
C ALA B 118 7.24 -12.63 4.49
N ILE B 119 8.11 -13.21 5.30
CA ILE B 119 9.50 -13.46 4.95
C ILE B 119 9.83 -14.94 5.16
N LYS B 120 10.56 -15.52 4.21
CA LYS B 120 11.03 -16.90 4.29
C LYS B 120 12.55 -16.88 4.45
N THR B 121 13.07 -17.61 5.43
CA THR B 121 14.49 -17.66 5.70
C THR B 121 15.06 -19.03 5.32
N GLY B 122 16.39 -19.07 5.13
CA GLY B 122 17.04 -20.30 4.66
C GLY B 122 16.99 -21.43 5.67
N GLN B 123 17.49 -21.18 6.87
CA GLN B 123 17.22 -22.05 8.01
C GLN B 123 16.28 -21.31 8.95
N GLN B 124 16.32 -21.65 10.24
CA GLN B 124 15.29 -21.20 11.15
C GLN B 124 15.23 -19.68 11.25
N ALA B 125 14.02 -19.14 11.26
CA ALA B 125 13.79 -17.69 11.28
C ALA B 125 14.00 -17.07 12.66
N GLU B 126 14.07 -17.89 13.70
CA GLU B 126 14.06 -17.37 15.07
C GLU B 126 15.19 -16.39 15.38
N PRO B 127 16.44 -16.59 14.93
CA PRO B 127 17.47 -15.57 15.19
C PRO B 127 17.13 -14.19 14.65
N LEU B 128 16.44 -14.09 13.51
CA LEU B 128 16.04 -12.76 13.04
C LEU B 128 14.97 -12.18 13.96
N VAL B 129 13.99 -12.99 14.31
CA VAL B 129 12.91 -12.55 15.18
C VAL B 129 13.47 -12.06 16.51
N VAL B 130 14.44 -12.80 17.07
CA VAL B 130 15.08 -12.39 18.32
C VAL B 130 15.83 -11.08 18.12
N ASP B 131 16.50 -10.91 16.97
CA ASP B 131 17.16 -9.65 16.69
C ASP B 131 16.17 -8.49 16.71
N LEU B 132 14.98 -8.70 16.12
CA LEU B 132 13.99 -7.63 16.13
C LEU B 132 13.48 -7.36 17.53
N LYS B 133 13.31 -8.41 18.33
CA LYS B 133 12.93 -8.21 19.73
C LYS B 133 13.98 -7.39 20.46
N ASP B 134 15.26 -7.71 20.24
CA ASP B 134 16.34 -7.00 20.92
C ASP B 134 16.44 -5.56 20.43
N LEU B 135 16.21 -5.34 19.13
CA LEU B 135 16.25 -3.97 18.60
C LEU B 135 15.21 -3.11 19.29
N PHE B 136 13.96 -3.59 19.35
CA PHE B 136 12.90 -2.83 20.00
C PHE B 136 13.19 -2.64 21.48
N GLN B 137 13.74 -3.67 22.13
CA GLN B 137 14.03 -3.55 23.56
C GLN B 137 15.09 -2.49 23.82
N VAL B 138 16.19 -2.51 23.06
CA VAL B 138 17.26 -1.56 23.35
C VAL B 138 16.83 -0.13 23.03
N ILE B 139 16.02 0.06 21.99
CA ILE B 139 15.54 1.41 21.69
C ILE B 139 14.65 1.91 22.81
N TYR B 140 13.77 1.04 23.32
N TYR B 140 13.80 1.04 23.35
CA TYR B 140 12.96 1.39 24.48
CA TYR B 140 12.96 1.44 24.48
C TYR B 140 13.83 1.70 25.69
C TYR B 140 13.78 1.68 25.74
N ASN B 141 14.76 0.81 26.01
CA ASN B 141 15.60 0.99 27.21
C ASN B 141 16.37 2.30 27.15
N VAL B 142 16.93 2.63 25.98
CA VAL B 142 17.76 3.81 25.85
C VAL B 142 16.93 5.07 25.92
N LYS B 143 15.79 5.08 25.20
CA LYS B 143 14.87 6.22 25.29
C LYS B 143 14.47 6.47 26.74
N LYS B 144 14.08 5.42 27.45
CA LYS B 144 13.68 5.55 28.85
C LYS B 144 14.81 6.13 29.69
N LYS B 145 16.03 5.59 29.53
CA LYS B 145 17.17 6.08 30.28
C LYS B 145 17.45 7.55 29.97
N GLU B 146 17.34 7.93 28.69
CA GLU B 146 17.58 9.32 28.32
C GLU B 146 16.53 10.24 28.94
N GLU B 147 15.26 9.83 28.89
CA GLU B 147 14.21 10.60 29.54
C GLU B 147 14.49 10.74 31.04
N GLU B 148 14.85 9.63 31.69
CA GLU B 148 15.14 9.68 33.11
C GLU B 148 16.41 10.47 33.40
N LYS B 149 17.41 10.38 32.53
CA LYS B 149 18.62 11.16 32.74
C LYS B 149 18.45 12.60 32.31
N LYS B 150 17.41 12.92 31.54
CA LYS B 150 17.09 14.31 31.25
C LYS B 150 16.09 14.89 32.25
N LYS B 151 15.24 14.06 32.87
CA LYS B 151 14.41 14.57 33.95
C LYS B 151 15.21 14.84 35.22
N ILE B 152 16.43 14.31 35.32
CA ILE B 152 17.35 14.73 36.37
C ILE B 152 18.15 15.91 35.83
N GLU B 153 17.53 16.70 34.96
CA GLU B 153 18.03 18.04 34.69
C GLU B 153 18.01 18.88 35.95
N GLU B 154 17.14 18.50 36.90
CA GLU B 154 16.78 19.37 38.01
C GLU B 154 17.24 18.79 39.34
N ASN C 3 -12.73 -6.41 -16.86
CA ASN C 3 -12.47 -6.23 -15.44
C ASN C 3 -12.49 -4.75 -15.07
N GLY C 4 -12.48 -3.90 -16.10
CA GLY C 4 -12.79 -2.50 -15.90
C GLY C 4 -14.25 -2.21 -16.20
N PHE C 5 -14.61 -0.94 -16.09
CA PHE C 5 -15.99 -0.56 -16.35
C PHE C 5 -16.09 0.87 -16.85
N ASP C 6 -17.10 1.11 -17.69
CA ASP C 6 -17.41 2.44 -18.21
C ASP C 6 -18.05 3.32 -17.16
N ASN C 7 -17.89 4.63 -17.34
CA ASN C 7 -18.67 5.59 -16.58
C ASN C 7 -19.88 5.96 -17.41
N PRO C 8 -21.10 5.56 -17.02
CA PRO C 8 -22.28 5.93 -17.80
C PRO C 8 -22.54 7.43 -17.83
N ASN C 9 -21.89 8.21 -16.99
CA ASN C 9 -22.09 9.66 -16.99
C ASN C 9 -21.10 10.39 -17.88
N TYR C 10 -20.23 9.66 -18.60
CA TYR C 10 -19.20 10.32 -19.39
C TYR C 10 -19.82 11.12 -20.52
N GLN C 11 -19.37 12.36 -20.69
CA GLN C 11 -19.80 13.19 -21.82
C GLN C 11 -18.56 13.66 -22.59
N PRO C 12 -18.29 13.12 -23.78
CA PRO C 12 -17.05 13.52 -24.48
C PRO C 12 -17.02 14.97 -24.94
N GLN C 13 -18.18 15.60 -25.14
CA GLN C 13 -18.20 16.96 -25.69
C GLN C 13 -18.69 17.98 -24.67
N GLN D 2 0.87 -12.71 23.74
CA GLN D 2 1.07 -13.04 22.32
C GLN D 2 2.31 -13.92 22.12
N ASN D 3 2.25 -14.79 21.12
CA ASN D 3 3.40 -15.60 20.72
C ASN D 3 4.37 -14.79 19.85
N GLY D 4 3.85 -13.90 19.00
CA GLY D 4 4.64 -12.81 18.46
C GLY D 4 4.83 -11.75 19.53
N PHE D 5 5.16 -10.54 19.11
CA PHE D 5 5.30 -9.49 20.12
C PHE D 5 5.06 -8.12 19.50
N ASP D 6 4.55 -7.23 20.35
CA ASP D 6 4.31 -5.84 19.99
C ASP D 6 5.58 -5.02 20.17
N ASN D 7 5.68 -3.96 19.36
CA ASN D 7 6.77 -3.01 19.44
C ASN D 7 6.35 -1.90 20.41
N PRO D 8 7.00 -1.77 21.58
CA PRO D 8 6.61 -0.69 22.51
C PRO D 8 6.95 0.69 21.98
N ASN D 9 7.76 0.78 20.93
CA ASN D 9 8.13 2.05 20.30
C ASN D 9 7.19 2.45 19.18
N TYR D 10 6.18 1.64 18.88
CA TYR D 10 5.31 1.92 17.76
C TYR D 10 4.54 3.22 17.97
N GLN D 11 4.49 4.04 16.92
CA GLN D 11 3.71 5.28 16.89
C GLN D 11 2.80 5.27 15.67
N PRO D 12 1.50 5.03 15.83
CA PRO D 12 0.60 5.04 14.65
C PRO D 12 0.48 6.39 13.96
N GLN D 13 1.09 7.45 14.49
CA GLN D 13 0.91 8.80 13.99
C GLN D 13 2.23 9.51 13.69
#